data_6IMG
#
_entry.id   6IMG
#
_entity_poly.entity_id   1
_entity_poly.type   'polypeptide(L)'
_entity_poly.pdbx_seq_one_letter_code
;(ACE)GCPCIWPELCPWIRSC(NH2)
;
_entity_poly.pdbx_strand_id   A
#
# COMPACT_ATOMS: atom_id res chain seq x y z
N GLY A 2 8.53 -3.98 3.45
CA GLY A 2 7.43 -4.06 2.48
C GLY A 2 6.35 -3.02 2.80
N CYS A 3 5.32 -2.98 1.96
CA CYS A 3 4.23 -2.03 2.15
C CYS A 3 3.52 -2.30 3.47
N PRO A 4 3.35 -1.29 4.27
CA PRO A 4 2.68 -1.40 5.60
C PRO A 4 1.18 -1.65 5.47
N CYS A 5 0.62 -1.27 4.33
CA CYS A 5 -0.80 -1.47 4.08
C CYS A 5 -1.10 -2.90 3.68
N ILE A 6 -2.07 -3.51 4.34
CA ILE A 6 -2.45 -4.89 4.04
C ILE A 6 -2.97 -4.97 2.60
N TRP A 7 -3.81 -4.01 2.22
CA TRP A 7 -4.37 -3.98 0.88
C TRP A 7 -3.79 -2.80 0.10
N PRO A 8 -2.99 -3.06 -0.91
CA PRO A 8 -2.34 -2.02 -1.73
C PRO A 8 -3.35 -1.25 -2.58
N GLU A 9 -4.48 -1.91 -2.84
CA GLU A 9 -5.54 -1.30 -3.64
C GLU A 9 -6.24 -0.21 -2.84
N LEU A 10 -6.09 -0.25 -1.52
CA LEU A 10 -6.71 0.75 -0.65
C LEU A 10 -5.68 1.79 -0.21
N CYS A 11 -4.42 1.56 -0.56
CA CYS A 11 -3.34 2.48 -0.19
C CYS A 11 -2.53 2.89 -1.42
N PRO A 12 -3.15 3.62 -2.30
CA PRO A 12 -2.48 4.11 -3.55
C PRO A 12 -1.40 5.16 -3.29
N TRP A 13 -1.48 5.79 -2.12
CA TRP A 13 -0.51 6.82 -1.74
C TRP A 13 0.77 6.18 -1.20
N ILE A 14 0.82 4.86 -1.23
CA ILE A 14 2.00 4.15 -0.73
C ILE A 14 2.77 3.55 -1.90
N ARG A 15 3.99 4.04 -2.11
CA ARG A 15 4.82 3.56 -3.21
C ARG A 15 5.11 2.07 -3.04
N SER A 16 5.21 1.62 -1.80
CA SER A 16 5.47 0.22 -1.51
C SER A 16 4.33 -0.65 -2.02
N CYS A 17 3.11 -0.14 -1.89
CA CYS A 17 1.93 -0.89 -2.33
C CYS A 17 1.71 -0.70 -3.83
N GLY A 2 8.38 -4.33 3.45
CA GLY A 2 7.24 -4.41 2.55
C GLY A 2 6.25 -3.29 2.82
N CYS A 3 5.21 -3.21 1.99
CA CYS A 3 4.21 -2.17 2.14
C CYS A 3 3.49 -2.30 3.48
N PRO A 4 3.38 -1.23 4.24
CA PRO A 4 2.71 -1.25 5.57
C PRO A 4 1.21 -1.51 5.45
N CYS A 5 0.66 -1.19 4.29
CA CYS A 5 -0.77 -1.41 4.06
C CYS A 5 -1.05 -2.85 3.64
N ILE A 6 -2.01 -3.48 4.32
CA ILE A 6 -2.36 -4.86 4.01
C ILE A 6 -2.91 -4.95 2.59
N TRP A 7 -3.79 -4.01 2.25
CA TRP A 7 -4.38 -4.00 0.91
C TRP A 7 -3.79 -2.83 0.08
N PRO A 8 -2.99 -3.12 -0.91
CA PRO A 8 -2.36 -2.06 -1.76
C PRO A 8 -3.37 -1.31 -2.61
N GLU A 9 -4.51 -1.95 -2.86
CA GLU A 9 -5.55 -1.32 -3.66
C GLU A 9 -6.25 -0.21 -2.87
N LEU A 10 -6.11 -0.25 -1.54
CA LEU A 10 -6.73 0.75 -0.70
C LEU A 10 -5.70 1.79 -0.22
N CYS A 11 -4.43 1.58 -0.59
CA CYS A 11 -3.37 2.49 -0.21
C CYS A 11 -2.54 2.90 -1.42
N PRO A 12 -3.13 3.65 -2.31
CA PRO A 12 -2.45 4.12 -3.55
C PRO A 12 -1.39 5.17 -3.26
N TRP A 13 -1.48 5.78 -2.09
CA TRP A 13 -0.52 6.80 -1.69
C TRP A 13 0.77 6.16 -1.14
N ILE A 14 0.84 4.83 -1.16
CA ILE A 14 2.01 4.13 -0.68
C ILE A 14 2.78 3.54 -1.84
N ARG A 15 3.99 4.05 -2.05
CA ARG A 15 4.83 3.57 -3.14
C ARG A 15 5.11 2.08 -3.01
N SER A 16 5.20 1.61 -1.78
CA SER A 16 5.45 0.20 -1.52
C SER A 16 4.30 -0.66 -2.04
N CYS A 17 3.08 -0.15 -1.89
CA CYS A 17 1.90 -0.90 -2.35
C CYS A 17 1.67 -0.68 -3.84
N GLY A 2 8.66 -3.76 3.24
CA GLY A 2 7.43 -4.05 2.51
C GLY A 2 6.35 -3.00 2.79
N CYS A 3 5.31 -3.00 1.99
CA CYS A 3 4.23 -2.04 2.17
C CYS A 3 3.51 -2.26 3.51
N PRO A 4 3.33 -1.23 4.30
CA PRO A 4 2.65 -1.34 5.63
C PRO A 4 1.14 -1.62 5.48
N CYS A 5 0.59 -1.28 4.32
CA CYS A 5 -0.83 -1.50 4.06
C CYS A 5 -1.08 -2.93 3.64
N ILE A 6 -2.06 -3.56 4.30
CA ILE A 6 -2.42 -4.92 3.98
C ILE A 6 -2.94 -5.01 2.55
N TRP A 7 -3.80 -4.06 2.20
CA TRP A 7 -4.35 -4.02 0.85
C TRP A 7 -3.77 -2.84 0.06
N PRO A 8 -2.96 -3.08 -0.95
CA PRO A 8 -2.34 -1.99 -1.76
C PRO A 8 -3.38 -1.25 -2.59
N GLU A 9 -4.50 -1.89 -2.85
CA GLU A 9 -5.57 -1.27 -3.61
C GLU A 9 -6.25 -0.19 -2.78
N LEU A 10 -6.06 -0.24 -1.45
CA LEU A 10 -6.66 0.74 -0.56
C LEU A 10 -5.64 1.79 -0.14
N CYS A 11 -4.38 1.59 -0.52
CA CYS A 11 -3.32 2.53 -0.19
C CYS A 11 -2.53 2.93 -1.43
N PRO A 12 -3.15 3.66 -2.32
CA PRO A 12 -2.52 4.13 -3.59
C PRO A 12 -1.45 5.18 -3.34
N TRP A 13 -1.49 5.79 -2.15
CA TRP A 13 -0.53 6.81 -1.78
C TRP A 13 0.76 6.18 -1.22
N ILE A 14 0.85 4.86 -1.24
CA ILE A 14 2.03 4.17 -0.74
C ILE A 14 2.79 3.54 -1.89
N ARG A 15 4.00 4.03 -2.13
CA ARG A 15 4.83 3.51 -3.21
C ARG A 15 5.12 2.03 -3.03
N SER A 16 5.21 1.61 -1.78
CA SER A 16 5.47 0.20 -1.49
C SER A 16 4.33 -0.67 -2.00
N CYS A 17 3.11 -0.16 -1.86
CA CYS A 17 1.92 -0.88 -2.31
C CYS A 17 1.68 -0.67 -3.79
N GLY A 2 8.31 -4.15 3.73
CA GLY A 2 7.33 -4.11 2.64
C GLY A 2 6.27 -3.04 2.91
N CYS A 3 5.26 -3.00 2.06
CA CYS A 3 4.20 -2.02 2.19
C CYS A 3 3.46 -2.21 3.54
N PRO A 4 3.30 -1.15 4.29
CA PRO A 4 2.61 -1.21 5.61
C PRO A 4 1.12 -1.51 5.48
N CYS A 5 0.57 -1.25 4.30
CA CYS A 5 -0.84 -1.50 4.05
C CYS A 5 -1.07 -2.94 3.61
N ILE A 6 -2.00 -3.61 4.27
CA ILE A 6 -2.34 -4.99 3.93
C ILE A 6 -2.88 -5.06 2.50
N TRP A 7 -3.78 -4.13 2.18
CA TRP A 7 -4.36 -4.09 0.85
C TRP A 7 -3.81 -2.90 0.05
N PRO A 8 -2.99 -3.14 -0.93
CA PRO A 8 -2.36 -2.07 -1.75
C PRO A 8 -3.37 -1.30 -2.59
N GLU A 9 -4.52 -1.91 -2.81
CA GLU A 9 -5.58 -1.27 -3.59
C GLU A 9 -6.26 -0.19 -2.77
N LEU A 10 -6.06 -0.21 -1.45
CA LEU A 10 -6.67 0.78 -0.58
C LEU A 10 -5.63 1.82 -0.14
N CYS A 11 -4.38 1.61 -0.52
CA CYS A 11 -3.31 2.53 -0.17
C CYS A 11 -2.52 2.94 -1.40
N PRO A 12 -3.14 3.68 -2.29
CA PRO A 12 -2.49 4.15 -3.54
C PRO A 12 -1.42 5.20 -3.29
N TRP A 13 -1.49 5.83 -2.11
CA TRP A 13 -0.52 6.85 -1.74
C TRP A 13 0.76 6.22 -1.21
N ILE A 14 0.85 4.89 -1.27
CA ILE A 14 2.03 4.19 -0.80
C ILE A 14 2.80 3.60 -1.97
N ARG A 15 4.06 4.01 -2.10
CA ARG A 15 4.90 3.52 -3.19
C ARG A 15 5.16 2.02 -3.04
N SER A 16 5.22 1.56 -1.80
CA SER A 16 5.46 0.15 -1.53
C SER A 16 4.30 -0.70 -2.06
N CYS A 17 3.08 -0.20 -1.87
CA CYS A 17 1.90 -0.92 -2.32
C CYS A 17 1.67 -0.70 -3.82
N GLY A 2 8.26 -4.35 3.53
CA GLY A 2 7.30 -4.21 2.45
C GLY A 2 6.27 -3.15 2.75
N CYS A 3 5.24 -3.06 1.93
CA CYS A 3 4.20 -2.05 2.13
C CYS A 3 3.48 -2.28 3.46
N PRO A 4 3.35 -1.25 4.28
CA PRO A 4 2.67 -1.38 5.62
C PRO A 4 1.17 -1.66 5.48
N CYS A 5 0.60 -1.24 4.36
CA CYS A 5 -0.82 -1.44 4.11
C CYS A 5 -1.10 -2.88 3.66
N ILE A 6 -2.05 -3.52 4.31
CA ILE A 6 -2.41 -4.88 3.96
C ILE A 6 -2.95 -4.93 2.53
N TRP A 7 -3.81 -3.98 2.20
CA TRP A 7 -4.38 -3.94 0.85
C TRP A 7 -3.78 -2.77 0.05
N PRO A 8 -2.98 -3.05 -0.96
CA PRO A 8 -2.35 -1.98 -1.78
C PRO A 8 -3.39 -1.22 -2.62
N GLU A 9 -4.52 -1.87 -2.85
CA GLU A 9 -5.58 -1.24 -3.62
C GLU A 9 -6.24 -0.13 -2.79
N LEU A 10 -6.10 -0.22 -1.47
CA LEU A 10 -6.69 0.77 -0.57
C LEU A 10 -5.64 1.83 -0.19
N CYS A 11 -4.37 1.52 -0.43
CA CYS A 11 -3.31 2.46 -0.10
C CYS A 11 -2.50 2.80 -1.36
N PRO A 12 -3.12 3.47 -2.29
CA PRO A 12 -2.47 3.89 -3.56
C PRO A 12 -1.43 4.99 -3.33
N TRP A 13 -1.52 5.65 -2.18
CA TRP A 13 -0.59 6.73 -1.83
C TRP A 13 0.70 6.15 -1.26
N ILE A 14 0.84 4.83 -1.25
CA ILE A 14 2.05 4.19 -0.72
C ILE A 14 2.85 3.59 -1.88
N ARG A 15 4.07 4.08 -2.07
CA ARG A 15 4.93 3.60 -3.14
C ARG A 15 5.18 2.11 -3.00
N SER A 16 5.23 1.63 -1.76
CA SER A 16 5.46 0.22 -1.50
C SER A 16 4.30 -0.62 -2.03
N CYS A 17 3.08 -0.11 -1.88
CA CYS A 17 1.89 -0.82 -2.32
C CYS A 17 1.69 -0.63 -3.82
N GLY A 2 8.58 -3.80 3.46
CA GLY A 2 7.50 -3.91 2.49
C GLY A 2 6.40 -2.88 2.78
N CYS A 3 5.34 -2.94 1.98
CA CYS A 3 4.24 -2.00 2.16
C CYS A 3 3.53 -2.22 3.50
N PRO A 4 3.34 -1.19 4.29
CA PRO A 4 2.66 -1.32 5.62
C PRO A 4 1.16 -1.59 5.48
N CYS A 5 0.62 -1.27 4.31
CA CYS A 5 -0.80 -1.47 4.05
C CYS A 5 -1.08 -2.91 3.62
N ILE A 6 -2.03 -3.54 4.30
CA ILE A 6 -2.39 -4.92 3.96
C ILE A 6 -2.94 -4.99 2.55
N TRP A 7 -3.83 -4.05 2.21
CA TRP A 7 -4.40 -4.02 0.87
C TRP A 7 -3.81 -2.86 0.07
N PRO A 8 -2.98 -3.13 -0.92
CA PRO A 8 -2.35 -2.06 -1.75
C PRO A 8 -3.37 -1.30 -2.59
N GLU A 9 -4.51 -1.93 -2.83
CA GLU A 9 -5.56 -1.30 -3.62
C GLU A 9 -6.24 -0.18 -2.81
N LEU A 10 -6.07 -0.23 -1.48
CA LEU A 10 -6.69 0.78 -0.62
C LEU A 10 -5.66 1.83 -0.18
N CYS A 11 -4.39 1.61 -0.56
CA CYS A 11 -3.34 2.54 -0.19
C CYS A 11 -2.53 2.93 -1.43
N PRO A 12 -3.13 3.65 -2.33
CA PRO A 12 -2.47 4.12 -3.58
C PRO A 12 -1.42 5.19 -3.28
N TRP A 13 -1.53 5.78 -2.10
CA TRP A 13 -0.59 6.81 -1.67
C TRP A 13 0.71 6.19 -1.12
N ILE A 14 0.84 4.88 -1.25
CA ILE A 14 2.03 4.18 -0.76
C ILE A 14 2.81 3.60 -1.95
N ARG A 15 4.06 4.01 -2.07
CA ARG A 15 4.91 3.53 -3.16
C ARG A 15 5.15 2.03 -3.02
N SER A 16 5.22 1.55 -1.79
CA SER A 16 5.46 0.14 -1.54
C SER A 16 4.31 -0.71 -2.06
N CYS A 17 3.09 -0.22 -1.86
CA CYS A 17 1.90 -0.94 -2.30
C CYS A 17 1.65 -0.69 -3.79
N GLY A 2 8.40 -4.18 3.57
CA GLY A 2 7.36 -4.17 2.54
C GLY A 2 6.31 -3.10 2.82
N CYS A 3 5.28 -3.06 1.98
CA CYS A 3 4.23 -2.08 2.15
C CYS A 3 3.51 -2.26 3.50
N PRO A 4 3.37 -1.21 4.27
CA PRO A 4 2.69 -1.30 5.60
C PRO A 4 1.19 -1.56 5.48
N CYS A 5 0.63 -1.24 4.32
CA CYS A 5 -0.79 -1.44 4.07
C CYS A 5 -1.07 -2.89 3.65
N ILE A 6 -2.05 -3.51 4.31
CA ILE A 6 -2.41 -4.88 3.99
C ILE A 6 -2.94 -4.97 2.57
N TRP A 7 -3.83 -4.04 2.22
CA TRP A 7 -4.40 -4.03 0.87
C TRP A 7 -3.82 -2.86 0.08
N PRO A 8 -3.00 -3.12 -0.91
CA PRO A 8 -2.37 -2.05 -1.74
C PRO A 8 -3.38 -1.28 -2.59
N GLU A 9 -4.50 -1.92 -2.87
CA GLU A 9 -5.54 -1.27 -3.66
C GLU A 9 -6.24 -0.18 -2.84
N LEU A 10 -6.09 -0.25 -1.52
CA LEU A 10 -6.70 0.74 -0.65
C LEU A 10 -5.68 1.78 -0.19
N CYS A 11 -4.41 1.57 -0.55
CA CYS A 11 -3.35 2.49 -0.17
C CYS A 11 -2.54 2.90 -1.39
N PRO A 12 -3.14 3.63 -2.29
CA PRO A 12 -2.48 4.09 -3.54
C PRO A 12 -1.41 5.16 -3.27
N TRP A 13 -1.50 5.78 -2.10
CA TRP A 13 -0.54 6.81 -1.72
C TRP A 13 0.76 6.18 -1.19
N ILE A 14 0.84 4.85 -1.22
CA ILE A 14 2.04 4.17 -0.74
C ILE A 14 2.80 3.59 -1.92
N ARG A 15 4.05 4.04 -2.07
CA ARG A 15 4.89 3.57 -3.16
C ARG A 15 5.16 2.07 -3.03
N SER A 16 5.21 1.60 -1.79
CA SER A 16 5.46 0.18 -1.54
C SER A 16 4.30 -0.67 -2.06
N CYS A 17 3.09 -0.19 -1.87
CA CYS A 17 1.90 -0.91 -2.33
C CYS A 17 1.67 -0.67 -3.81
N GLY A 2 8.69 -3.75 3.02
CA GLY A 2 7.38 -4.20 2.58
C GLY A 2 6.33 -3.13 2.84
N CYS A 3 5.29 -3.10 2.00
CA CYS A 3 4.23 -2.11 2.16
C CYS A 3 3.52 -2.29 3.51
N PRO A 4 3.37 -1.24 4.30
CA PRO A 4 2.69 -1.35 5.62
C PRO A 4 1.19 -1.60 5.49
N CYS A 5 0.63 -1.27 4.33
CA CYS A 5 -0.79 -1.45 4.08
C CYS A 5 -1.10 -2.90 3.70
N ILE A 6 -2.08 -3.50 4.38
CA ILE A 6 -2.46 -4.86 4.07
C ILE A 6 -2.97 -4.97 2.64
N TRP A 7 -3.84 -4.04 2.26
CA TRP A 7 -4.40 -4.03 0.92
C TRP A 7 -3.81 -2.88 0.10
N PRO A 8 -2.99 -3.16 -0.89
CA PRO A 8 -2.35 -2.09 -1.72
C PRO A 8 -3.36 -1.34 -2.59
N GLU A 9 -4.50 -1.96 -2.86
CA GLU A 9 -5.52 -1.31 -3.67
C GLU A 9 -6.20 -0.19 -2.89
N LEU A 10 -6.10 -0.25 -1.56
CA LEU A 10 -6.71 0.78 -0.71
C LEU A 10 -5.67 1.79 -0.23
N CYS A 11 -4.41 1.58 -0.61
CA CYS A 11 -3.34 2.49 -0.22
C CYS A 11 -2.52 2.92 -1.44
N PRO A 12 -3.13 3.67 -2.32
CA PRO A 12 -2.47 4.17 -3.55
C PRO A 12 -1.39 5.21 -3.25
N TRP A 13 -1.51 5.82 -2.07
CA TRP A 13 -0.56 6.84 -1.63
C TRP A 13 0.75 6.20 -1.13
N ILE A 14 0.83 4.87 -1.17
CA ILE A 14 2.02 4.18 -0.71
C ILE A 14 2.78 3.63 -1.91
N ARG A 15 4.02 4.07 -2.08
CA ARG A 15 4.84 3.61 -3.20
C ARG A 15 5.13 2.12 -3.09
N SER A 16 5.23 1.63 -1.86
CA SER A 16 5.49 0.22 -1.63
C SER A 16 4.34 -0.66 -2.16
N CYS A 17 3.12 -0.22 -1.90
CA CYS A 17 1.94 -0.96 -2.33
C CYS A 17 1.70 -0.74 -3.83
N GLY A 2 7.78 -4.14 1.19
CA GLY A 2 7.33 -4.26 2.57
C GLY A 2 6.26 -3.22 2.88
N CYS A 3 5.33 -3.05 1.96
CA CYS A 3 4.27 -2.07 2.13
C CYS A 3 3.54 -2.27 3.47
N PRO A 4 3.38 -1.23 4.27
CA PRO A 4 2.69 -1.35 5.60
C PRO A 4 1.18 -1.60 5.46
N CYS A 5 0.62 -1.24 4.30
CA CYS A 5 -0.80 -1.43 4.06
C CYS A 5 -1.09 -2.88 3.65
N ILE A 6 -2.04 -3.49 4.34
CA ILE A 6 -2.42 -4.86 4.02
C ILE A 6 -2.96 -4.97 2.61
N TRP A 7 -3.84 -4.03 2.25
CA TRP A 7 -4.42 -4.03 0.91
C TRP A 7 -3.84 -2.86 0.09
N PRO A 8 -2.99 -3.14 -0.88
CA PRO A 8 -2.35 -2.07 -1.71
C PRO A 8 -3.36 -1.32 -2.58
N GLU A 9 -4.48 -1.95 -2.85
CA GLU A 9 -5.51 -1.31 -3.66
C GLU A 9 -6.21 -0.19 -2.86
N LEU A 10 -6.10 -0.26 -1.54
CA LEU A 10 -6.71 0.76 -0.68
C LEU A 10 -5.68 1.79 -0.22
N CYS A 11 -4.42 1.58 -0.60
CA CYS A 11 -3.36 2.50 -0.21
C CYS A 11 -2.53 2.92 -1.44
N PRO A 12 -3.13 3.66 -2.33
CA PRO A 12 -2.47 4.15 -3.57
C PRO A 12 -1.38 5.18 -3.27
N TRP A 13 -1.48 5.80 -2.09
CA TRP A 13 -0.52 6.82 -1.68
C TRP A 13 0.77 6.17 -1.15
N ILE A 14 0.84 4.84 -1.17
CA ILE A 14 2.02 4.14 -0.68
C ILE A 14 2.79 3.54 -1.86
N ARG A 15 3.99 4.04 -2.09
CA ARG A 15 4.82 3.56 -3.19
C ARG A 15 5.11 2.07 -3.05
N SER A 16 5.20 1.61 -1.80
CA SER A 16 5.46 0.22 -1.54
C SER A 16 4.31 -0.66 -2.05
N CYS A 17 3.09 -0.16 -1.89
CA CYS A 17 1.91 -0.90 -2.33
C CYS A 17 1.67 -0.68 -3.81
N GLY A 2 8.50 -4.01 3.52
CA GLY A 2 7.41 -4.11 2.56
C GLY A 2 6.34 -3.06 2.84
N CYS A 3 5.31 -3.04 2.01
CA CYS A 3 4.24 -2.07 2.17
C CYS A 3 3.52 -2.25 3.51
N PRO A 4 3.35 -1.20 4.29
CA PRO A 4 2.67 -1.28 5.62
C PRO A 4 1.17 -1.54 5.47
N CYS A 5 0.63 -1.25 4.29
CA CYS A 5 -0.79 -1.47 4.05
C CYS A 5 -1.06 -2.90 3.59
N ILE A 6 -1.99 -3.55 4.29
CA ILE A 6 -2.35 -4.92 3.94
C ILE A 6 -2.92 -4.99 2.53
N TRP A 7 -3.81 -4.05 2.22
CA TRP A 7 -4.40 -4.01 0.89
C TRP A 7 -3.81 -2.85 0.09
N PRO A 8 -3.00 -3.11 -0.91
CA PRO A 8 -2.37 -2.05 -1.74
C PRO A 8 -3.38 -1.28 -2.59
N GLU A 9 -4.53 -1.91 -2.85
CA GLU A 9 -5.56 -1.26 -3.64
C GLU A 9 -6.24 -0.16 -2.83
N LEU A 10 -6.12 -0.22 -1.50
CA LEU A 10 -6.73 0.79 -0.64
C LEU A 10 -5.69 1.82 -0.19
N CYS A 11 -4.42 1.59 -0.55
CA CYS A 11 -3.35 2.51 -0.18
C CYS A 11 -2.55 2.91 -1.41
N PRO A 12 -3.16 3.63 -2.30
CA PRO A 12 -2.51 4.11 -3.57
C PRO A 12 -1.44 5.17 -3.30
N TRP A 13 -1.52 5.78 -2.12
CA TRP A 13 -0.55 6.80 -1.73
C TRP A 13 0.74 6.18 -1.19
N ILE A 14 0.83 4.86 -1.23
CA ILE A 14 2.02 4.17 -0.75
C ILE A 14 2.80 3.59 -1.92
N ARG A 15 4.06 4.02 -2.06
CA ARG A 15 4.90 3.55 -3.14
C ARG A 15 5.17 2.05 -3.01
N SER A 16 5.22 1.58 -1.77
CA SER A 16 5.47 0.17 -1.52
C SER A 16 4.33 -0.70 -2.04
N CYS A 17 3.10 -0.21 -1.87
CA CYS A 17 1.92 -0.93 -2.31
C CYS A 17 1.67 -0.68 -3.81
N GLY A 2 8.71 -3.66 3.10
CA GLY A 2 7.44 -4.06 2.51
C GLY A 2 6.38 -3.00 2.79
N CYS A 3 5.32 -3.00 1.98
CA CYS A 3 4.24 -2.04 2.15
C CYS A 3 3.53 -2.24 3.50
N PRO A 4 3.35 -1.20 4.29
CA PRO A 4 2.67 -1.33 5.61
C PRO A 4 1.17 -1.61 5.47
N CYS A 5 0.62 -1.26 4.31
CA CYS A 5 -0.81 -1.48 4.07
C CYS A 5 -1.09 -2.92 3.65
N ILE A 6 -2.05 -3.55 4.32
CA ILE A 6 -2.41 -4.92 4.00
C ILE A 6 -2.94 -5.00 2.57
N TRP A 7 -3.81 -4.07 2.22
CA TRP A 7 -4.39 -4.04 0.89
C TRP A 7 -3.80 -2.87 0.08
N PRO A 8 -3.00 -3.13 -0.92
CA PRO A 8 -2.37 -2.04 -1.73
C PRO A 8 -3.38 -1.29 -2.58
N GLU A 9 -4.52 -1.91 -2.85
CA GLU A 9 -5.57 -1.27 -3.64
C GLU A 9 -6.23 -0.16 -2.83
N LEU A 10 -6.11 -0.23 -1.50
CA LEU A 10 -6.71 0.79 -0.63
C LEU A 10 -5.67 1.81 -0.18
N CYS A 11 -4.41 1.59 -0.56
CA CYS A 11 -3.33 2.51 -0.19
C CYS A 11 -2.52 2.89 -1.42
N PRO A 12 -3.12 3.63 -2.32
CA PRO A 12 -2.47 4.09 -3.57
C PRO A 12 -1.40 5.13 -3.30
N TRP A 13 -1.51 5.79 -2.15
CA TRP A 13 -0.55 6.83 -1.75
C TRP A 13 0.74 6.21 -1.22
N ILE A 14 0.83 4.89 -1.21
CA ILE A 14 2.02 4.20 -0.73
C ILE A 14 2.81 3.63 -1.91
N ARG A 15 4.06 4.04 -2.04
CA ARG A 15 4.90 3.56 -3.14
C ARG A 15 5.15 2.06 -3.02
N SER A 16 5.22 1.57 -1.79
CA SER A 16 5.46 0.15 -1.55
C SER A 16 4.31 -0.69 -2.07
N CYS A 17 3.09 -0.20 -1.88
CA CYS A 17 1.90 -0.91 -2.33
C CYS A 17 1.66 -0.66 -3.81
N GLY A 2 8.56 -3.77 3.51
CA GLY A 2 7.47 -3.91 2.54
C GLY A 2 6.37 -2.89 2.82
N CYS A 3 5.32 -2.93 2.01
CA CYS A 3 4.22 -1.99 2.18
C CYS A 3 3.51 -2.21 3.52
N PRO A 4 3.30 -1.17 4.32
CA PRO A 4 2.61 -1.31 5.64
C PRO A 4 1.13 -1.62 5.48
N CYS A 5 0.58 -1.26 4.32
CA CYS A 5 -0.83 -1.50 4.06
C CYS A 5 -1.08 -2.94 3.62
N ILE A 6 -2.01 -3.61 4.30
CA ILE A 6 -2.33 -4.98 3.95
C ILE A 6 -2.88 -5.05 2.53
N TRP A 7 -3.78 -4.12 2.20
CA TRP A 7 -4.36 -4.08 0.87
C TRP A 7 -3.79 -2.89 0.08
N PRO A 8 -2.99 -3.14 -0.93
CA PRO A 8 -2.37 -2.05 -1.74
C PRO A 8 -3.39 -1.30 -2.57
N GLU A 9 -4.54 -1.92 -2.82
CA GLU A 9 -5.60 -1.28 -3.60
C GLU A 9 -6.26 -0.17 -2.79
N LEU A 10 -6.10 -0.21 -1.47
CA LEU A 10 -6.69 0.81 -0.59
C LEU A 10 -5.64 1.84 -0.16
N CYS A 11 -4.39 1.62 -0.55
CA CYS A 11 -3.32 2.54 -0.19
C CYS A 11 -2.52 2.94 -1.43
N PRO A 12 -3.13 3.67 -2.33
CA PRO A 12 -2.49 4.14 -3.58
C PRO A 12 -1.42 5.19 -3.31
N TRP A 13 -1.50 5.82 -2.14
CA TRP A 13 -0.53 6.85 -1.75
C TRP A 13 0.76 6.23 -1.22
N ILE A 14 0.84 4.90 -1.26
CA ILE A 14 2.04 4.20 -0.78
C ILE A 14 2.82 3.62 -1.95
N ARG A 15 4.07 4.02 -2.08
CA ARG A 15 4.91 3.54 -3.17
C ARG A 15 5.16 2.04 -3.03
N SER A 16 5.21 1.57 -1.79
CA SER A 16 5.45 0.16 -1.53
C SER A 16 4.31 -0.71 -2.04
N CYS A 17 3.08 -0.21 -1.87
CA CYS A 17 1.90 -0.94 -2.30
C CYS A 17 1.65 -0.69 -3.79
N GLY A 2 8.66 -3.82 3.38
CA GLY A 2 7.48 -4.06 2.54
C GLY A 2 6.41 -3.02 2.81
N CYS A 3 5.35 -3.03 2.00
CA CYS A 3 4.27 -2.07 2.16
C CYS A 3 3.56 -2.28 3.50
N PRO A 4 3.37 -1.23 4.29
CA PRO A 4 2.69 -1.35 5.62
C PRO A 4 1.20 -1.63 5.48
N CYS A 5 0.65 -1.23 4.34
CA CYS A 5 -0.78 -1.43 4.07
C CYS A 5 -1.06 -2.86 3.65
N ILE A 6 -2.03 -3.49 4.32
CA ILE A 6 -2.40 -4.86 4.01
C ILE A 6 -2.94 -4.95 2.58
N TRP A 7 -3.81 -4.02 2.21
CA TRP A 7 -4.38 -4.01 0.87
C TRP A 7 -3.79 -2.84 0.06
N PRO A 8 -2.97 -3.12 -0.93
CA PRO A 8 -2.35 -2.04 -1.76
C PRO A 8 -3.37 -1.29 -2.61
N GLU A 9 -4.50 -1.92 -2.87
CA GLU A 9 -5.54 -1.29 -3.66
C GLU A 9 -6.24 -0.18 -2.87
N LEU A 10 -6.11 -0.25 -1.54
CA LEU A 10 -6.73 0.75 -0.67
C LEU A 10 -5.71 1.79 -0.20
N CYS A 11 -4.44 1.59 -0.59
CA CYS A 11 -3.38 2.51 -0.21
C CYS A 11 -2.57 2.93 -1.44
N PRO A 12 -3.17 3.69 -2.31
CA PRO A 12 -2.51 4.18 -3.55
C PRO A 12 -1.40 5.20 -3.26
N TRP A 13 -1.50 5.82 -2.09
CA TRP A 13 -0.51 6.82 -1.68
C TRP A 13 0.76 6.15 -1.15
N ILE A 14 0.83 4.82 -1.19
CA ILE A 14 2.01 4.12 -0.73
C ILE A 14 2.78 3.51 -1.90
N ARG A 15 3.98 4.01 -2.13
CA ARG A 15 4.82 3.52 -3.22
C ARG A 15 5.11 2.04 -3.04
N SER A 16 5.19 1.60 -1.79
CA SER A 16 5.47 0.21 -1.50
C SER A 16 4.34 -0.68 -2.00
N CYS A 17 3.11 -0.18 -1.88
CA CYS A 17 1.94 -0.92 -2.31
C CYS A 17 1.68 -0.71 -3.80
N GLY A 2 8.46 -4.06 3.64
CA GLY A 2 7.38 -4.16 2.66
C GLY A 2 6.31 -3.09 2.91
N CYS A 3 5.29 -3.07 2.05
CA CYS A 3 4.23 -2.08 2.20
C CYS A 3 3.51 -2.27 3.54
N PRO A 4 3.33 -1.21 4.32
CA PRO A 4 2.63 -1.31 5.65
C PRO A 4 1.14 -1.58 5.52
N CYS A 5 0.59 -1.27 4.34
CA CYS A 5 -0.83 -1.48 4.08
C CYS A 5 -1.11 -2.92 3.67
N ILE A 6 -2.07 -3.55 4.33
CA ILE A 6 -2.44 -4.92 4.01
C ILE A 6 -2.96 -5.00 2.57
N TRP A 7 -3.83 -4.06 2.21
CA TRP A 7 -4.39 -4.03 0.87
C TRP A 7 -3.79 -2.86 0.06
N PRO A 8 -2.97 -3.14 -0.92
CA PRO A 8 -2.33 -2.06 -1.74
C PRO A 8 -3.35 -1.30 -2.59
N GLU A 9 -4.49 -1.92 -2.85
CA GLU A 9 -5.52 -1.28 -3.64
C GLU A 9 -6.21 -0.17 -2.83
N LEU A 10 -6.08 -0.24 -1.50
CA LEU A 10 -6.69 0.77 -0.62
C LEU A 10 -5.65 1.80 -0.17
N CYS A 11 -4.39 1.59 -0.54
CA CYS A 11 -3.32 2.51 -0.17
C CYS A 11 -2.51 2.91 -1.41
N PRO A 12 -3.13 3.65 -2.29
CA PRO A 12 -2.48 4.13 -3.55
C PRO A 12 -1.41 5.18 -3.27
N TRP A 13 -1.52 5.81 -2.10
CA TRP A 13 -0.55 6.83 -1.70
C TRP A 13 0.75 6.21 -1.19
N ILE A 14 0.83 4.88 -1.21
CA ILE A 14 2.04 4.19 -0.76
C ILE A 14 2.80 3.63 -1.96
N ARG A 15 4.04 4.06 -2.12
CA ARG A 15 4.86 3.60 -3.22
C ARG A 15 5.13 2.10 -3.11
N SER A 16 5.22 1.62 -1.88
CA SER A 16 5.48 0.21 -1.63
C SER A 16 4.33 -0.66 -2.15
N CYS A 17 3.11 -0.22 -1.88
CA CYS A 17 1.92 -0.94 -2.31
C CYS A 17 1.67 -0.72 -3.80
N GLY A 2 8.23 -4.34 3.79
CA GLY A 2 7.32 -4.21 2.66
C GLY A 2 6.27 -3.13 2.93
N CYS A 3 5.26 -3.09 2.07
CA CYS A 3 4.21 -2.10 2.21
C CYS A 3 3.48 -2.28 3.56
N PRO A 4 3.32 -1.22 4.32
CA PRO A 4 2.63 -1.29 5.65
C PRO A 4 1.14 -1.56 5.52
N CYS A 5 0.59 -1.25 4.35
CA CYS A 5 -0.83 -1.45 4.09
C CYS A 5 -1.10 -2.90 3.66
N ILE A 6 -2.06 -3.54 4.32
CA ILE A 6 -2.41 -4.91 4.00
C ILE A 6 -2.93 -4.99 2.57
N TRP A 7 -3.80 -4.07 2.21
CA TRP A 7 -4.36 -4.04 0.86
C TRP A 7 -3.78 -2.87 0.07
N PRO A 8 -2.97 -3.12 -0.94
CA PRO A 8 -2.35 -2.04 -1.76
C PRO A 8 -3.35 -1.28 -2.60
N GLU A 9 -4.50 -1.92 -2.86
CA GLU A 9 -5.54 -1.28 -3.65
C GLU A 9 -6.23 -0.19 -2.84
N LEU A 10 -6.07 -0.23 -1.51
CA LEU A 10 -6.68 0.77 -0.65
C LEU A 10 -5.66 1.81 -0.20
N CYS A 11 -4.39 1.58 -0.54
CA CYS A 11 -3.33 2.50 -0.16
C CYS A 11 -2.50 2.89 -1.38
N PRO A 12 -3.09 3.63 -2.28
CA PRO A 12 -2.42 4.09 -3.53
C PRO A 12 -1.36 5.15 -3.25
N TRP A 13 -1.47 5.77 -2.09
CA TRP A 13 -0.51 6.80 -1.69
C TRP A 13 0.79 6.17 -1.16
N ILE A 14 0.86 4.84 -1.20
CA ILE A 14 2.05 4.14 -0.72
C ILE A 14 2.79 3.55 -1.90
N ARG A 15 3.98 4.08 -2.15
CA ARG A 15 4.80 3.60 -3.26
C ARG A 15 5.08 2.12 -3.13
N SER A 16 5.19 1.66 -1.90
CA SER A 16 5.46 0.25 -1.63
C SER A 16 4.31 -0.62 -2.13
N CYS A 17 3.09 -0.16 -1.91
CA CYS A 17 1.91 -0.91 -2.32
C CYS A 17 1.63 -0.72 -3.81
N GLY A 2 8.57 -3.87 3.40
CA GLY A 2 7.49 -3.94 2.43
C GLY A 2 6.41 -2.91 2.75
N CYS A 3 5.36 -2.90 1.94
CA CYS A 3 4.26 -1.95 2.14
C CYS A 3 3.55 -2.22 3.49
N PRO A 4 3.34 -1.21 4.31
CA PRO A 4 2.65 -1.39 5.63
C PRO A 4 1.16 -1.68 5.46
N CYS A 5 0.60 -1.29 4.33
CA CYS A 5 -0.82 -1.51 4.07
C CYS A 5 -1.09 -2.95 3.65
N ILE A 6 -2.06 -3.58 4.32
CA ILE A 6 -2.42 -4.95 4.01
C ILE A 6 -2.96 -5.04 2.59
N TRP A 7 -3.85 -4.11 2.24
CA TRP A 7 -4.43 -4.07 0.91
C TRP A 7 -3.84 -2.90 0.11
N PRO A 8 -3.01 -3.16 -0.88
CA PRO A 8 -2.38 -2.06 -1.68
C PRO A 8 -3.40 -1.31 -2.53
N GLU A 9 -4.53 -1.94 -2.81
CA GLU A 9 -5.56 -1.30 -3.62
C GLU A 9 -6.22 -0.17 -2.82
N LEU A 10 -6.11 -0.23 -1.50
CA LEU A 10 -6.70 0.80 -0.63
C LEU A 10 -5.65 1.83 -0.20
N CYS A 11 -4.40 1.61 -0.59
CA CYS A 11 -3.32 2.53 -0.23
C CYS A 11 -2.52 2.92 -1.46
N PRO A 12 -3.12 3.67 -2.34
CA PRO A 12 -2.47 4.14 -3.59
C PRO A 12 -1.39 5.18 -3.31
N TRP A 13 -1.49 5.82 -2.15
CA TRP A 13 -0.52 6.85 -1.76
C TRP A 13 0.77 6.23 -1.23
N ILE A 14 0.83 4.89 -1.20
CA ILE A 14 2.03 4.21 -0.73
C ILE A 14 2.81 3.63 -1.91
N ARG A 15 4.06 4.05 -2.05
CA ARG A 15 4.89 3.57 -3.15
C ARG A 15 5.15 2.08 -3.04
N SER A 16 5.22 1.59 -1.81
CA SER A 16 5.48 0.17 -1.56
C SER A 16 4.32 -0.69 -2.08
N CYS A 17 3.10 -0.20 -1.88
CA CYS A 17 1.91 -0.92 -2.31
C CYS A 17 1.68 -0.71 -3.80
N GLY A 2 8.31 -4.21 3.64
CA GLY A 2 7.25 -4.24 2.63
C GLY A 2 6.23 -3.13 2.89
N CYS A 3 5.20 -3.09 2.04
CA CYS A 3 4.18 -2.06 2.18
C CYS A 3 3.44 -2.20 3.52
N PRO A 4 3.29 -1.14 4.30
CA PRO A 4 2.59 -1.19 5.61
C PRO A 4 1.11 -1.53 5.48
N CYS A 5 0.54 -1.24 4.31
CA CYS A 5 -0.87 -1.52 4.05
C CYS A 5 -1.08 -2.96 3.61
N ILE A 6 -2.00 -3.65 4.28
CA ILE A 6 -2.29 -5.03 3.93
C ILE A 6 -2.86 -5.10 2.51
N TRP A 7 -3.77 -4.18 2.20
CA TRP A 7 -4.36 -4.14 0.87
C TRP A 7 -3.81 -2.94 0.08
N PRO A 8 -2.97 -3.17 -0.92
CA PRO A 8 -2.38 -2.06 -1.72
C PRO A 8 -3.41 -1.31 -2.55
N GLU A 9 -4.54 -1.93 -2.81
CA GLU A 9 -5.60 -1.29 -3.58
C GLU A 9 -6.26 -0.17 -2.75
N LEU A 10 -6.07 -0.21 -1.43
CA LEU A 10 -6.67 0.80 -0.56
C LEU A 10 -5.63 1.85 -0.13
N CYS A 11 -4.37 1.63 -0.52
CA CYS A 11 -3.30 2.56 -0.17
C CYS A 11 -2.50 2.95 -1.42
N PRO A 12 -3.12 3.66 -2.31
CA PRO A 12 -2.47 4.13 -3.58
C PRO A 12 -1.39 5.18 -3.33
N TRP A 13 -1.47 5.83 -2.17
CA TRP A 13 -0.50 6.86 -1.81
C TRP A 13 0.79 6.25 -1.26
N ILE A 14 0.88 4.91 -1.26
CA ILE A 14 2.07 4.23 -0.77
C ILE A 14 2.84 3.63 -1.95
N ARG A 15 4.09 4.05 -2.09
CA ARG A 15 4.93 3.55 -3.18
C ARG A 15 5.16 2.04 -3.03
N SER A 16 5.21 1.59 -1.79
CA SER A 16 5.44 0.18 -1.51
C SER A 16 4.27 -0.67 -2.03
N CYS A 17 3.05 -0.16 -1.87
CA CYS A 17 1.86 -0.87 -2.33
C CYS A 17 1.64 -0.65 -3.82
N GLY A 2 8.23 -4.40 3.70
CA GLY A 2 7.31 -4.27 2.57
C GLY A 2 6.28 -3.18 2.84
N CYS A 3 5.25 -3.13 2.01
CA CYS A 3 4.21 -2.11 2.16
C CYS A 3 3.49 -2.28 3.51
N PRO A 4 3.35 -1.22 4.29
CA PRO A 4 2.67 -1.30 5.62
C PRO A 4 1.17 -1.57 5.49
N CYS A 5 0.61 -1.26 4.32
CA CYS A 5 -0.81 -1.47 4.08
C CYS A 5 -1.09 -2.91 3.66
N ILE A 6 -2.04 -3.54 4.33
CA ILE A 6 -2.40 -4.91 4.00
C ILE A 6 -2.94 -4.99 2.57
N TRP A 7 -3.82 -4.05 2.22
CA TRP A 7 -4.39 -4.02 0.89
C TRP A 7 -3.81 -2.85 0.09
N PRO A 8 -2.98 -3.10 -0.90
CA PRO A 8 -2.36 -2.02 -1.72
C PRO A 8 -3.39 -1.27 -2.56
N GLU A 9 -4.51 -1.91 -2.85
CA GLU A 9 -5.55 -1.26 -3.64
C GLU A 9 -6.23 -0.16 -2.83
N LEU A 10 -6.11 -0.23 -1.50
CA LEU A 10 -6.71 0.78 -0.63
C LEU A 10 -5.67 1.81 -0.19
N CYS A 11 -4.40 1.58 -0.54
CA CYS A 11 -3.33 2.50 -0.18
C CYS A 11 -2.50 2.86 -1.41
N PRO A 12 -3.10 3.58 -2.31
CA PRO A 12 -2.43 4.02 -3.58
C PRO A 12 -1.36 5.08 -3.30
N TRP A 13 -1.48 5.74 -2.16
CA TRP A 13 -0.53 6.78 -1.77
C TRP A 13 0.77 6.16 -1.22
N ILE A 14 0.84 4.83 -1.18
CA ILE A 14 2.04 4.16 -0.68
C ILE A 14 2.82 3.56 -1.86
N ARG A 15 4.01 4.10 -2.08
CA ARG A 15 4.86 3.63 -3.18
C ARG A 15 5.13 2.13 -3.05
N SER A 16 5.20 1.65 -1.82
CA SER A 16 5.47 0.25 -1.58
C SER A 16 4.32 -0.61 -2.10
N CYS A 17 3.09 -0.14 -1.90
CA CYS A 17 1.90 -0.88 -2.34
C CYS A 17 1.66 -0.65 -3.82
N GLY A 2 8.38 -4.09 3.63
CA GLY A 2 7.41 -4.03 2.54
C GLY A 2 6.32 -2.99 2.82
N CYS A 3 5.29 -2.99 1.99
CA CYS A 3 4.21 -2.02 2.17
C CYS A 3 3.49 -2.24 3.51
N PRO A 4 3.31 -1.21 4.31
CA PRO A 4 2.61 -1.34 5.63
C PRO A 4 1.12 -1.62 5.48
N CYS A 5 0.58 -1.30 4.32
CA CYS A 5 -0.84 -1.52 4.05
C CYS A 5 -1.10 -2.96 3.63
N ILE A 6 -2.04 -3.60 4.30
CA ILE A 6 -2.39 -4.98 3.98
C ILE A 6 -2.93 -5.06 2.55
N TRP A 7 -3.82 -4.13 2.21
CA TRP A 7 -4.38 -4.11 0.87
C TRP A 7 -3.81 -2.91 0.08
N PRO A 8 -2.98 -3.15 -0.90
CA PRO A 8 -2.37 -2.05 -1.72
C PRO A 8 -3.39 -1.28 -2.55
N GLU A 9 -4.52 -1.91 -2.81
CA GLU A 9 -5.57 -1.26 -3.59
C GLU A 9 -6.24 -0.15 -2.77
N LEU A 10 -6.07 -0.21 -1.44
CA LEU A 10 -6.66 0.80 -0.56
C LEU A 10 -5.62 1.83 -0.14
N CYS A 11 -4.36 1.62 -0.53
CA CYS A 11 -3.29 2.54 -0.18
C CYS A 11 -2.50 2.92 -1.42
N PRO A 12 -3.13 3.63 -2.32
CA PRO A 12 -2.49 4.10 -3.59
C PRO A 12 -1.42 5.16 -3.34
N TRP A 13 -1.50 5.80 -2.19
CA TRP A 13 -0.54 6.83 -1.82
C TRP A 13 0.75 6.23 -1.26
N ILE A 14 0.85 4.90 -1.29
CA ILE A 14 2.06 4.23 -0.79
C ILE A 14 2.83 3.62 -1.96
N ARG A 15 4.08 4.05 -2.10
CA ARG A 15 4.92 3.55 -3.17
C ARG A 15 5.17 2.06 -3.01
N SER A 16 5.22 1.61 -1.77
CA SER A 16 5.45 0.19 -1.50
C SER A 16 4.30 -0.66 -2.03
N CYS A 17 3.08 -0.16 -1.86
CA CYS A 17 1.90 -0.87 -2.32
C CYS A 17 1.67 -0.63 -3.81
N GLY A 2 8.67 -3.77 3.24
CA GLY A 2 7.53 -3.91 2.34
C GLY A 2 6.44 -2.91 2.69
N CYS A 3 5.36 -2.92 1.91
CA CYS A 3 4.25 -2.01 2.13
C CYS A 3 3.56 -2.30 3.47
N PRO A 4 3.37 -1.29 4.28
CA PRO A 4 2.71 -1.43 5.62
C PRO A 4 1.21 -1.66 5.49
N CYS A 5 0.65 -1.29 4.35
CA CYS A 5 -0.78 -1.46 4.12
C CYS A 5 -1.09 -2.88 3.68
N ILE A 6 -2.09 -3.49 4.31
CA ILE A 6 -2.46 -4.86 3.97
C ILE A 6 -2.98 -4.91 2.53
N TRP A 7 -3.83 -3.94 2.17
CA TRP A 7 -4.39 -3.88 0.84
C TRP A 7 -3.79 -2.71 0.05
N PRO A 8 -3.02 -2.98 -0.96
CA PRO A 8 -2.37 -1.92 -1.78
C PRO A 8 -3.37 -1.16 -2.63
N GLU A 9 -4.52 -1.80 -2.87
CA GLU A 9 -5.57 -1.17 -3.65
C GLU A 9 -6.26 -0.09 -2.82
N LEU A 10 -6.13 -0.20 -1.51
CA LEU A 10 -6.73 0.76 -0.59
C LEU A 10 -5.69 1.80 -0.18
N CYS A 11 -4.42 1.50 -0.44
CA CYS A 11 -3.34 2.42 -0.08
C CYS A 11 -2.52 2.75 -1.33
N PRO A 12 -3.14 3.42 -2.28
CA PRO A 12 -2.47 3.83 -3.54
C PRO A 12 -1.45 4.95 -3.35
N TRP A 13 -1.51 5.58 -2.19
CA TRP A 13 -0.58 6.66 -1.86
C TRP A 13 0.71 6.11 -1.28
N ILE A 14 0.82 4.78 -1.24
CA ILE A 14 2.01 4.14 -0.72
C ILE A 14 2.82 3.55 -1.87
N ARG A 15 4.03 4.08 -2.04
CA ARG A 15 4.90 3.62 -3.12
C ARG A 15 5.18 2.13 -2.99
N SER A 16 5.22 1.64 -1.76
CA SER A 16 5.48 0.23 -1.51
C SER A 16 4.33 -0.62 -2.03
N CYS A 17 3.11 -0.13 -1.86
CA CYS A 17 1.93 -0.87 -2.31
C CYS A 17 1.70 -0.65 -3.79
#